data_7N3P
#
_entry.id   7N3P
#
_cell.length_a   1.00
_cell.length_b   1.00
_cell.length_c   1.00
_cell.angle_alpha   90.00
_cell.angle_beta   90.00
_cell.angle_gamma   90.00
#
_symmetry.space_group_name_H-M   'P 1'
#
loop_
_entity.id
_entity.type
_entity.pdbx_description
1 polymer Cas12k
2 polymer 'Single guide RNA'
3 polymer "DNA (5'-D(*CP*AP*TP*GP*AP*CP*TP*TP*CP*TP*CP*AP*AP*CP*CP*GP*AP*GP*TP*TP*T)-3')"
4 polymer "DNA (5'-D(P*AP*AP*AP*CP*TP*CP*GP*GP*TP*T)-3')"
#
loop_
_entity_poly.entity_id
_entity_poly.type
_entity_poly.pdbx_seq_one_letter_code
_entity_poly.pdbx_strand_id
1 'polypeptide(L)'
;MSQITIQARLISFESNRQQLWKLMADLNTPLINELLCQLGQHPDFEKWQQKGKLPSTVVSQLCQPLKTDPRFAGQPSRLY
MSAIHIVDYIYKSWLAIQKRLQQQLDGKTRWLEMLNSDAELVELSGDTLEAIRVKAAEILAIAMPASESDSASPKGKKGK
KEKKPSSSSPKRSLSKTLFDAYQETEDIKSRSAISYLLKNGCKLTDKEEDSEKFAKRRRQVEIQIQRLTEKLISRMPKGR
DLTNAKWLETLLTATTTVAEDNAQAKRWQDILLTRSSSLPFPLVFETNEDMVWSKNQKGRLCVHFNGLSDLIFEVYCGNR
QLHWFQRFLEDQQTKRKSKNQHSSGLFTLRNGHLVWLEGEGKGEPWNLHHLTLYCCVDNRLWTEEGTEIVRQEKADEITK
FITNMKKKSDLSDTQQALIQRKQSTLTRINNSFERPSQPLYQGQSHILVGVSLGLEKPATVAVVDAIANKVLAYRSIKQL
LGDNYELLNRQRRQQQYLSHERHKAQKNFSPNQFGASELGQHIDRLLAKAIVALARTYKAGSIVLPKLGDMREVVQSEIQ
AIAEQKFPGYIEGQQKYAKQYRVNVHRWSYGRLIQSIQSKAAQTGIVIEEGKQPIRGSPHDKAKELALSAYNLRLTRRS
;
A
2 'polyribonucleotide'
;AUAUUAAUAGCGCCGCAAUUCAUGCUGCUUGCAGCCUCUGAAUUUUGUUAAAUGAGGGUUAGUUUGACUGUAUAAAUACA
GUCUUGCUUUCUGACCCUGGUAGCUGCUCACCCUGAUGCUGCUGUCAAUAGACAGGAUAGGUGCGCUCCCAGCAAUAAGG
GCGCGGAUGUACUGCUGUAGUGGCUACUGAAUCACCCCCGAUCAAGGGGGAACCCUCCAAAAGGUGGGUUGAAAGGAGAA
GUCAUUUAAUAAGGCCACUGUUAAA
;
B
3 'polydeoxyribonucleotide'
;(DT)(DT)(DA)(DA)(DC)(DA)(DG)(DT)(DG)(DG)(DC)(DC)(DT)(DT)(DA)(DT)(DT)(DA)(DA)(DA)
(DT)(DG)(DA)(DC)(DT)(DT)(DC)(DT)(DC)(DA)(DA)(DC)(DC)(DT)(DC)(DC)(DT)(DA)(DC)(DG)
;
C
4 'polydeoxyribonucleotide' (DC)(DG)(DT)(DA)(DG)(DG)(DA)(DG)(DG)(DT)(DT) D
#
loop_
_chem_comp.id
_chem_comp.type
_chem_comp.name
_chem_comp.formula
A RNA linking ADENOSINE-5'-MONOPHOSPHATE 'C10 H14 N5 O7 P'
C RNA linking CYTIDINE-5'-MONOPHOSPHATE 'C9 H14 N3 O8 P'
DA DNA linking 2'-DEOXYADENOSINE-5'-MONOPHOSPHATE 'C10 H14 N5 O6 P'
DC DNA linking 2'-DEOXYCYTIDINE-5'-MONOPHOSPHATE 'C9 H14 N3 O7 P'
DG DNA linking 2'-DEOXYGUANOSINE-5'-MONOPHOSPHATE 'C10 H14 N5 O7 P'
DT DNA linking THYMIDINE-5'-MONOPHOSPHATE 'C10 H15 N2 O8 P'
G RNA linking GUANOSINE-5'-MONOPHOSPHATE 'C10 H14 N5 O8 P'
U RNA linking URIDINE-5'-MONOPHOSPHATE 'C9 H13 N2 O9 P'
#
# COMPACT_ATOMS: atom_id res chain seq x y z
N MET A 1 -6.97 0.00 -4.59
CA MET A 1 -7.52 0.56 -3.36
C MET A 1 -7.09 -0.26 -2.14
N SER A 2 -7.41 -1.55 -2.15
CA SER A 2 -7.09 -2.45 -1.06
C SER A 2 -6.10 -3.50 -1.56
N GLN A 3 -4.83 -3.35 -1.19
CA GLN A 3 -3.80 -4.32 -1.56
C GLN A 3 -2.83 -4.45 -0.39
N ILE A 4 -2.76 -5.64 0.20
CA ILE A 4 -1.99 -5.90 1.39
C ILE A 4 -0.74 -6.69 1.04
N THR A 5 0.41 -6.22 1.51
CA THR A 5 1.67 -6.92 1.35
C THR A 5 1.85 -7.93 2.46
N ILE A 6 2.29 -9.14 2.09
CA ILE A 6 2.45 -10.25 3.03
C ILE A 6 3.95 -10.56 3.14
N GLN A 7 4.43 -10.62 4.37
CA GLN A 7 5.85 -10.85 4.65
C GLN A 7 6.15 -12.35 4.72
N ALA A 8 7.35 -12.72 4.26
CA ALA A 8 7.82 -14.09 4.45
C ALA A 8 9.34 -14.10 4.38
N ARG A 9 9.92 -15.16 4.93
CA ARG A 9 11.37 -15.37 4.87
C ARG A 9 11.65 -16.69 4.16
N LEU A 10 12.54 -16.66 3.17
CA LEU A 10 12.90 -17.85 2.40
C LEU A 10 14.17 -18.46 2.96
N ILE A 11 14.10 -19.74 3.31
CA ILE A 11 15.20 -20.44 3.97
C ILE A 11 15.55 -21.67 3.15
N SER A 12 16.85 -21.86 2.91
CA SER A 12 17.38 -23.03 2.24
C SER A 12 18.84 -23.18 2.66
N PHE A 13 19.48 -24.24 2.20
CA PHE A 13 20.87 -24.45 2.60
C PHE A 13 21.80 -23.52 1.83
N GLU A 14 23.09 -23.59 2.18
CA GLU A 14 24.04 -22.54 1.85
C GLU A 14 24.22 -22.35 0.35
N SER A 15 24.19 -23.44 -0.43
CA SER A 15 24.46 -23.33 -1.86
C SER A 15 23.42 -22.48 -2.57
N ASN A 16 22.15 -22.58 -2.17
CA ASN A 16 21.11 -21.78 -2.80
C ASN A 16 21.34 -20.29 -2.57
N ARG A 17 21.63 -19.91 -1.31
CA ARG A 17 21.88 -18.51 -1.01
C ARG A 17 23.13 -18.01 -1.74
N GLN A 18 24.17 -18.85 -1.81
CA GLN A 18 25.37 -18.46 -2.53
C GLN A 18 25.08 -18.22 -4.00
N GLN A 19 24.29 -19.10 -4.63
CA GLN A 19 23.94 -18.92 -6.03
C GLN A 19 23.12 -17.66 -6.24
N LEU A 20 22.15 -17.40 -5.36
CA LEU A 20 21.35 -16.19 -5.50
C LEU A 20 22.19 -14.93 -5.35
N TRP A 21 23.11 -14.91 -4.39
CA TRP A 21 23.96 -13.74 -4.21
C TRP A 21 24.93 -13.57 -5.39
N LYS A 22 25.49 -14.66 -5.89
CA LYS A 22 26.41 -14.57 -7.02
C LYS A 22 25.69 -14.27 -8.33
N LEU A 23 24.39 -14.47 -8.40
CA LEU A 23 23.64 -14.18 -9.63
C LEU A 23 22.94 -12.83 -9.61
N MET A 24 22.55 -12.33 -8.44
CA MET A 24 21.93 -11.01 -8.36
C MET A 24 22.93 -9.89 -8.09
N ALA A 25 23.69 -9.98 -7.00
CA ALA A 25 24.61 -8.91 -6.63
C ALA A 25 25.71 -8.73 -7.68
N ASP A 26 26.22 -9.84 -8.22
CA ASP A 26 27.29 -9.74 -9.22
C ASP A 26 26.76 -9.35 -10.59
N LEU A 27 25.54 -9.77 -10.94
CA LEU A 27 25.02 -9.58 -12.28
C LEU A 27 23.78 -8.70 -12.32
N ASN A 28 22.74 -9.01 -11.53
CA ASN A 28 21.45 -8.34 -11.70
C ASN A 28 21.51 -6.88 -11.28
N THR A 29 22.11 -6.60 -10.11
CA THR A 29 22.22 -5.22 -9.66
C THR A 29 23.08 -4.37 -10.59
N PRO A 30 24.27 -4.79 -11.04
CA PRO A 30 24.97 -4.01 -12.06
C PRO A 30 24.18 -3.88 -13.36
N LEU A 31 23.39 -4.89 -13.72
CA LEU A 31 22.55 -4.80 -14.90
C LEU A 31 21.52 -3.69 -14.75
N ILE A 32 20.86 -3.61 -13.60
CA ILE A 32 19.89 -2.55 -13.36
C ILE A 32 20.57 -1.19 -13.36
N ASN A 33 21.77 -1.11 -12.77
CA ASN A 33 22.52 0.13 -12.79
C ASN A 33 22.86 0.55 -14.21
N GLU A 34 23.24 -0.42 -15.05
CA GLU A 34 23.56 -0.12 -16.45
C GLU A 34 22.33 0.37 -17.21
N LEU A 35 21.18 -0.25 -16.98
CA LEU A 35 19.95 0.25 -17.59
C LEU A 35 19.65 1.67 -17.14
N LEU A 36 19.81 1.93 -15.84
CA LEU A 36 19.58 3.28 -15.30
C LEU A 36 20.46 4.30 -16.01
N CYS A 37 21.77 4.03 -16.05
CA CYS A 37 22.70 4.96 -16.67
C CYS A 37 22.42 5.13 -18.16
N GLN A 38 22.17 4.02 -18.86
CA GLN A 38 22.00 4.08 -20.32
C GLN A 38 20.73 4.82 -20.71
N LEU A 39 19.66 4.69 -19.92
CA LEU A 39 18.49 5.53 -20.18
C LEU A 39 18.74 6.97 -19.74
N GLY A 40 19.62 7.18 -18.75
CA GLY A 40 20.01 8.54 -18.41
C GLY A 40 20.72 9.27 -19.55
N GLN A 41 21.58 8.55 -20.28
CA GLN A 41 22.24 9.14 -21.44
C GLN A 41 21.41 9.01 -22.72
N HIS A 42 20.19 8.50 -22.64
CA HIS A 42 19.34 8.41 -23.82
C HIS A 42 18.99 9.81 -24.32
N PRO A 43 19.07 10.06 -25.63
CA PRO A 43 18.77 11.41 -26.14
C PRO A 43 17.31 11.81 -25.98
N ASP A 44 16.40 10.86 -25.80
CA ASP A 44 14.98 11.19 -25.68
C ASP A 44 14.59 11.67 -24.29
N PHE A 45 15.51 11.61 -23.32
CA PHE A 45 15.17 12.01 -21.95
C PHE A 45 14.73 13.47 -21.89
N GLU A 46 15.42 14.35 -22.62
CA GLU A 46 14.98 15.74 -22.71
C GLU A 46 13.58 15.82 -23.29
N LYS A 47 13.29 15.02 -24.31
CA LYS A 47 11.92 14.92 -24.82
C LYS A 47 10.99 14.41 -23.73
N TRP A 48 11.44 13.42 -22.95
CA TRP A 48 10.66 12.96 -21.81
C TRP A 48 10.61 13.99 -20.69
N GLN A 49 11.46 15.02 -20.74
CA GLN A 49 11.29 16.15 -19.84
C GLN A 49 10.16 17.06 -20.28
N GLN A 50 9.84 17.07 -21.58
CA GLN A 50 8.75 17.89 -22.08
C GLN A 50 7.40 17.36 -21.60
N LYS A 51 7.19 16.05 -21.66
CA LYS A 51 5.96 15.43 -21.21
C LYS A 51 6.31 14.26 -20.30
N GLY A 52 5.66 14.20 -19.13
CA GLY A 52 5.97 13.19 -18.14
C GLY A 52 5.31 11.85 -18.40
N LYS A 53 5.79 11.12 -19.41
CA LYS A 53 5.29 9.79 -19.70
C LYS A 53 6.39 8.99 -20.38
N LEU A 54 6.27 7.67 -20.30
CA LEU A 54 7.27 6.77 -20.86
C LEU A 54 6.61 5.68 -21.71
N PRO A 55 7.14 5.41 -22.89
CA PRO A 55 6.66 4.26 -23.67
C PRO A 55 6.99 2.95 -22.97
N SER A 56 6.14 1.95 -23.18
CA SER A 56 6.33 0.64 -22.56
C SER A 56 7.24 -0.27 -23.38
N THR A 57 7.76 0.21 -24.51
CA THR A 57 8.58 -0.60 -25.40
C THR A 57 10.05 -0.17 -25.43
N VAL A 58 10.33 1.11 -25.20
CA VAL A 58 11.70 1.62 -25.33
C VAL A 58 12.62 1.00 -24.29
N VAL A 59 12.12 0.75 -23.07
CA VAL A 59 12.95 0.16 -22.03
C VAL A 59 13.40 -1.25 -22.44
N SER A 60 12.46 -2.06 -22.93
CA SER A 60 12.81 -3.40 -23.40
C SER A 60 13.72 -3.34 -24.62
N GLN A 61 13.49 -2.37 -25.52
CA GLN A 61 14.34 -2.22 -26.69
C GLN A 61 15.77 -1.90 -26.29
N LEU A 62 15.95 -1.04 -25.29
CA LEU A 62 17.28 -0.70 -24.81
C LEU A 62 17.92 -1.88 -24.06
N CYS A 63 17.12 -2.65 -23.33
CA CYS A 63 17.67 -3.77 -22.57
C CYS A 63 18.04 -4.96 -23.45
N GLN A 64 17.37 -5.12 -24.60
CA GLN A 64 17.62 -6.28 -25.45
C GLN A 64 19.07 -6.48 -25.85
N PRO A 65 19.84 -5.45 -26.26
CA PRO A 65 21.26 -5.70 -26.56
C PRO A 65 22.06 -6.20 -25.37
N LEU A 66 21.71 -5.80 -24.15
CA LEU A 66 22.48 -6.23 -22.98
C LEU A 66 22.22 -7.69 -22.64
N LYS A 67 21.11 -8.26 -23.12
CA LYS A 67 20.83 -9.67 -22.86
C LYS A 67 21.86 -10.57 -23.54
N THR A 68 22.24 -10.25 -24.77
CA THR A 68 23.20 -11.05 -25.51
C THR A 68 24.64 -10.69 -25.20
N ASP A 69 24.88 -9.65 -24.40
CA ASP A 69 26.24 -9.28 -24.04
C ASP A 69 26.85 -10.34 -23.13
N PRO A 70 28.13 -10.66 -23.29
CA PRO A 70 28.75 -11.67 -22.43
C PRO A 70 28.83 -11.26 -20.97
N ARG A 71 28.81 -9.96 -20.66
CA ARG A 71 28.86 -9.52 -19.27
C ARG A 71 27.60 -9.95 -18.52
N PHE A 72 26.45 -9.85 -19.15
CA PHE A 72 25.15 -10.15 -18.54
C PHE A 72 24.48 -11.32 -19.24
N ALA A 73 25.26 -12.35 -19.60
CA ALA A 73 24.74 -13.45 -20.40
C ALA A 73 23.92 -14.43 -19.55
N GLY A 74 24.44 -14.81 -18.39
CA GLY A 74 23.78 -15.82 -17.57
C GLY A 74 22.77 -15.26 -16.60
N GLN A 75 21.50 -15.30 -16.98
CA GLN A 75 20.41 -14.82 -16.14
C GLN A 75 19.09 -15.29 -16.73
N PRO A 76 18.11 -15.68 -15.91
CA PRO A 76 16.80 -16.05 -16.46
C PRO A 76 16.11 -14.86 -17.11
N SER A 77 15.26 -15.17 -18.09
CA SER A 77 14.53 -14.12 -18.80
C SER A 77 13.59 -13.37 -17.88
N ARG A 78 12.97 -14.06 -16.93
CA ARG A 78 12.10 -13.39 -15.96
C ARG A 78 12.87 -12.41 -15.10
N LEU A 79 14.17 -12.63 -14.89
CA LEU A 79 14.96 -11.65 -14.15
C LEU A 79 15.27 -10.42 -14.99
N TYR A 80 15.43 -10.57 -16.30
CA TYR A 80 15.48 -9.41 -17.18
C TYR A 80 14.14 -8.66 -17.15
N MET A 81 13.04 -9.40 -17.12
CA MET A 81 11.71 -8.81 -16.94
C MET A 81 11.66 -8.01 -15.65
N SER A 82 12.21 -8.57 -14.57
CA SER A 82 12.25 -7.88 -13.28
C SER A 82 13.07 -6.60 -13.36
N ALA A 83 14.24 -6.67 -14.01
CA ALA A 83 15.12 -5.50 -14.10
C ALA A 83 14.45 -4.38 -14.88
N ILE A 84 13.84 -4.70 -16.02
CA ILE A 84 13.18 -3.65 -16.80
C ILE A 84 11.94 -3.14 -16.08
N HIS A 85 11.23 -4.00 -15.34
CA HIS A 85 10.11 -3.50 -14.55
C HIS A 85 10.59 -2.52 -13.47
N ILE A 86 11.70 -2.84 -12.81
CA ILE A 86 12.22 -1.96 -11.76
C ILE A 86 12.63 -0.62 -12.36
N VAL A 87 13.36 -0.64 -13.46
CA VAL A 87 13.80 0.63 -14.05
C VAL A 87 12.59 1.42 -14.58
N ASP A 88 11.58 0.73 -15.13
CA ASP A 88 10.40 1.42 -15.62
C ASP A 88 9.62 2.08 -14.48
N TYR A 89 9.45 1.37 -13.35
CA TYR A 89 8.76 1.96 -12.21
C TYR A 89 9.53 3.15 -11.66
N ILE A 90 10.86 3.02 -11.55
CA ILE A 90 11.67 4.11 -11.01
C ILE A 90 11.57 5.35 -11.89
N TYR A 91 11.74 5.18 -13.21
CA TYR A 91 11.71 6.33 -14.10
C TYR A 91 10.30 6.90 -14.25
N LYS A 92 9.26 6.06 -14.15
CA LYS A 92 7.89 6.57 -14.14
C LYS A 92 7.63 7.41 -12.90
N SER A 93 8.13 6.97 -11.74
CA SER A 93 8.00 7.76 -10.53
C SER A 93 8.74 9.10 -10.66
N TRP A 94 9.94 9.07 -11.24
CA TRP A 94 10.69 10.30 -11.47
C TRP A 94 9.93 11.25 -12.39
N LEU A 95 9.38 10.73 -13.48
CA LEU A 95 8.62 11.58 -14.40
C LEU A 95 7.37 12.14 -13.75
N ALA A 96 6.68 11.32 -12.94
CA ALA A 96 5.50 11.81 -12.24
C ALA A 96 5.86 12.91 -11.24
N ILE A 97 6.96 12.74 -10.51
CA ILE A 97 7.39 13.78 -9.57
C ILE A 97 7.76 15.05 -10.32
N GLN A 98 8.46 14.94 -11.44
CA GLN A 98 8.82 16.11 -12.22
C GLN A 98 7.59 16.82 -12.77
N LYS A 99 6.59 16.07 -13.24
CA LYS A 99 5.38 16.69 -13.77
C LYS A 99 4.57 17.36 -12.66
N ARG A 100 4.50 16.73 -11.49
CA ARG A 100 3.72 17.28 -10.39
C ARG A 100 4.38 18.54 -9.82
N LEU A 101 5.71 18.51 -9.69
CA LEU A 101 6.44 19.65 -9.13
C LEU A 101 6.59 20.80 -10.10
N GLN A 102 6.28 20.60 -11.38
CA GLN A 102 6.40 21.66 -12.38
C GLN A 102 5.30 22.69 -12.22
N ILE A 271 20.46 14.24 -15.76
CA ILE A 271 20.64 14.18 -14.31
C ILE A 271 20.69 12.74 -13.84
N LEU A 272 21.88 12.29 -13.45
CA LEU A 272 22.04 10.94 -12.94
C LEU A 272 21.32 10.78 -11.61
N LEU A 273 20.69 9.61 -11.42
CA LEU A 273 19.84 9.37 -10.25
C LEU A 273 20.02 7.96 -9.71
N THR A 274 21.22 7.39 -9.87
CA THR A 274 21.48 6.03 -9.44
C THR A 274 21.35 5.89 -7.91
N ARG A 275 20.77 4.78 -7.49
CA ARG A 275 20.58 4.51 -6.07
C ARG A 275 21.91 4.16 -5.40
N SER A 276 22.14 4.74 -4.23
CA SER A 276 23.36 4.50 -3.46
C SER A 276 22.99 3.65 -2.23
N SER A 277 23.23 2.34 -2.34
CA SER A 277 22.95 1.44 -1.24
C SER A 277 23.84 0.21 -1.38
N SER A 278 24.21 -0.38 -0.25
CA SER A 278 25.06 -1.56 -0.26
C SER A 278 24.29 -2.82 -0.63
N LEU A 279 23.00 -2.91 -0.26
CA LEU A 279 22.21 -4.09 -0.52
C LEU A 279 21.89 -4.22 -2.01
N PRO A 280 21.79 -5.45 -2.51
CA PRO A 280 21.43 -5.66 -3.92
C PRO A 280 19.98 -5.26 -4.17
N PHE A 281 19.69 -4.99 -5.44
CA PHE A 281 18.39 -4.48 -5.84
C PHE A 281 17.31 -5.55 -5.73
N PRO A 282 16.06 -5.15 -5.52
CA PRO A 282 14.98 -6.13 -5.40
C PRO A 282 14.72 -6.87 -6.70
N LEU A 283 14.20 -8.09 -6.58
CA LEU A 283 13.70 -8.85 -7.72
C LEU A 283 12.18 -8.79 -7.71
N VAL A 284 11.60 -8.18 -8.75
CA VAL A 284 10.16 -7.98 -8.82
C VAL A 284 9.56 -9.02 -9.76
N PHE A 285 8.45 -9.62 -9.33
CA PHE A 285 7.70 -10.60 -10.12
C PHE A 285 6.29 -10.03 -10.31
N GLU A 286 6.07 -9.42 -11.47
CA GLU A 286 4.74 -8.91 -11.82
C GLU A 286 3.82 -10.06 -12.21
N THR A 287 4.34 -11.05 -12.93
CA THR A 287 3.56 -12.21 -13.31
C THR A 287 3.46 -13.16 -12.12
N ASN A 288 2.24 -13.37 -11.63
CA ASN A 288 2.03 -14.24 -10.48
C ASN A 288 2.30 -15.71 -10.76
N GLU A 289 2.36 -16.11 -12.03
CA GLU A 289 2.63 -17.50 -12.38
C GLU A 289 4.11 -17.87 -12.27
N ASP A 290 4.99 -16.88 -12.05
CA ASP A 290 6.41 -17.16 -11.95
C ASP A 290 6.74 -18.05 -10.76
N MET A 291 6.15 -17.75 -9.60
CA MET A 291 6.41 -18.53 -8.39
C MET A 291 5.55 -19.79 -8.38
N VAL A 292 6.18 -20.92 -8.09
CA VAL A 292 5.52 -22.22 -8.08
C VAL A 292 5.52 -22.72 -6.65
N TRP A 293 4.34 -22.76 -6.02
CA TRP A 293 4.22 -23.22 -4.65
C TRP A 293 4.05 -24.74 -4.60
N SER A 294 4.83 -25.38 -3.74
CA SER A 294 4.78 -26.83 -3.60
C SER A 294 5.03 -27.20 -2.15
N LYS A 295 4.20 -28.08 -1.61
CA LYS A 295 4.36 -28.51 -0.22
C LYS A 295 5.59 -29.40 -0.07
N ASN A 296 6.33 -29.19 1.01
CA ASN A 296 7.49 -30.00 1.30
C ASN A 296 7.09 -31.33 1.94
N GLN A 297 8.06 -32.24 2.02
CA GLN A 297 7.82 -33.52 2.66
C GLN A 297 7.52 -33.35 4.15
N LYS A 298 8.25 -32.46 4.82
CA LYS A 298 7.99 -32.18 6.23
C LYS A 298 6.62 -31.54 6.43
N GLY A 299 6.24 -30.62 5.55
CA GLY A 299 4.97 -29.94 5.66
C GLY A 299 5.04 -28.48 5.30
N ARG A 300 6.26 -27.98 5.04
CA ARG A 300 6.44 -26.59 4.65
C ARG A 300 6.05 -26.38 3.20
N LEU A 301 5.99 -25.12 2.80
CA LEU A 301 5.56 -24.71 1.46
C LEU A 301 6.77 -24.20 0.69
N CYS A 302 7.45 -25.12 0.00
CA CYS A 302 8.58 -24.73 -0.83
C CYS A 302 8.12 -23.91 -2.03
N VAL A 303 8.88 -22.88 -2.37
CA VAL A 303 8.56 -21.98 -3.47
C VAL A 303 9.79 -21.82 -4.35
N HIS A 304 9.58 -21.86 -5.67
CA HIS A 304 10.63 -21.57 -6.63
C HIS A 304 10.05 -20.73 -7.76
N PHE A 305 10.90 -19.91 -8.34
CA PHE A 305 10.49 -18.90 -9.31
C PHE A 305 10.63 -19.45 -10.73
N ASN A 306 10.08 -18.70 -11.69
CA ASN A 306 10.26 -19.02 -13.10
C ASN A 306 11.73 -18.82 -13.46
N GLY A 307 12.44 -19.91 -13.71
CA GLY A 307 13.88 -19.85 -13.77
C GLY A 307 14.51 -20.13 -12.43
N LEU A 308 15.65 -20.84 -12.47
CA LEU A 308 16.33 -21.32 -11.27
C LEU A 308 15.38 -22.17 -10.43
N SER A 309 14.58 -23.01 -11.10
CA SER A 309 13.52 -23.78 -10.46
C SER A 309 14.03 -24.84 -9.51
N ASP A 310 15.26 -25.30 -9.66
CA ASP A 310 15.80 -26.34 -8.78
C ASP A 310 16.51 -25.78 -7.56
N LEU A 311 16.34 -24.50 -7.26
CA LEU A 311 16.76 -23.91 -5.99
C LEU A 311 15.49 -23.60 -5.20
N ILE A 312 15.07 -24.56 -4.38
CA ILE A 312 13.83 -24.44 -3.62
C ILE A 312 14.02 -23.50 -2.43
N PHE A 313 12.93 -23.09 -1.81
CA PHE A 313 12.96 -22.15 -0.70
C PHE A 313 11.79 -22.43 0.22
N GLU A 314 12.08 -22.85 1.45
CA GLU A 314 11.03 -23.01 2.45
C GLU A 314 10.58 -21.64 2.95
N VAL A 315 9.28 -21.48 3.14
CA VAL A 315 8.72 -20.20 3.58
C VAL A 315 8.51 -20.24 5.08
N TYR A 316 8.89 -19.14 5.74
CA TYR A 316 8.65 -18.94 7.16
C TYR A 316 7.82 -17.68 7.33
N CYS A 317 6.71 -17.81 8.04
CA CYS A 317 5.81 -16.70 8.32
C CYS A 317 4.96 -17.07 9.53
N GLY A 318 4.33 -16.05 10.11
CA GLY A 318 3.48 -16.28 11.27
C GLY A 318 2.15 -16.91 10.89
N ASN A 319 1.40 -17.31 11.93
CA ASN A 319 0.08 -17.87 11.72
C ASN A 319 -0.90 -16.86 11.13
N ARG A 320 -0.61 -15.56 11.28
CA ARG A 320 -1.47 -14.53 10.72
C ARG A 320 -1.28 -14.35 9.22
N GLN A 321 -0.27 -14.99 8.63
CA GLN A 321 -0.04 -14.90 7.19
C GLN A 321 0.07 -16.28 6.52
N LEU A 322 -0.10 -17.37 7.28
CA LEU A 322 0.05 -18.70 6.71
C LEU A 322 -1.09 -19.03 5.74
N HIS A 323 -2.30 -18.52 6.01
CA HIS A 323 -3.42 -18.81 5.14
C HIS A 323 -3.24 -18.22 3.75
N TRP A 324 -2.53 -17.10 3.65
CA TRP A 324 -2.26 -16.51 2.34
C TRP A 324 -1.43 -17.46 1.47
N PHE A 325 -0.39 -18.05 2.05
CA PHE A 325 0.45 -18.97 1.29
C PHE A 325 -0.27 -20.29 1.04
N GLN A 326 -1.11 -20.71 2.00
CA GLN A 326 -1.92 -21.91 1.77
C GLN A 326 -2.88 -21.70 0.60
N ARG A 327 -3.49 -20.52 0.49
CA ARG A 327 -4.34 -20.26 -0.67
C ARG A 327 -3.54 -20.02 -1.95
N PHE A 328 -2.31 -19.54 -1.86
CA PHE A 328 -1.45 -19.53 -3.05
C PHE A 328 -1.26 -20.95 -3.58
N LEU A 329 -0.91 -21.87 -2.68
CA LEU A 329 -0.75 -23.27 -3.09
C LEU A 329 -2.07 -23.85 -3.60
N GLU A 330 -3.17 -23.54 -2.92
CA GLU A 330 -4.48 -24.06 -3.32
C GLU A 330 -4.89 -23.55 -4.71
N ASP A 331 -4.65 -22.26 -4.96
CA ASP A 331 -4.99 -21.68 -6.26
C ASP A 331 -4.15 -22.30 -7.36
N GLN A 332 -2.86 -22.50 -7.10
CA GLN A 332 -2.02 -23.14 -8.11
C GLN A 332 -2.46 -24.58 -8.36
N GLN A 333 -2.83 -25.31 -7.31
CA GLN A 333 -3.31 -26.68 -7.50
C GLN A 333 -4.62 -26.71 -8.28
N THR A 334 -5.54 -25.78 -7.99
CA THR A 334 -6.79 -25.75 -8.74
C THR A 334 -6.56 -25.38 -10.20
N LYS A 335 -5.61 -24.48 -10.48
CA LYS A 335 -5.29 -24.16 -11.87
C LYS A 335 -4.67 -25.36 -12.58
N ARG A 336 -3.77 -26.08 -11.92
CA ARG A 336 -3.09 -27.21 -12.57
C ARG A 336 -4.02 -28.40 -12.74
N LYS A 337 -4.95 -28.60 -11.80
CA LYS A 337 -5.84 -29.76 -11.83
C LYS A 337 -7.06 -29.54 -12.73
N SER A 338 -7.22 -28.35 -13.31
CA SER A 338 -8.33 -28.06 -14.20
C SER A 338 -7.89 -27.96 -15.65
N LYS A 339 -6.71 -28.51 -15.97
CA LYS A 339 -6.13 -28.44 -17.32
C LYS A 339 -6.02 -27.00 -17.80
N ASN A 340 -5.60 -26.11 -16.90
CA ASN A 340 -5.39 -24.69 -17.19
C ASN A 340 -6.66 -24.02 -17.70
N GLN A 341 -7.82 -24.48 -17.24
CA GLN A 341 -9.08 -23.84 -17.59
C GLN A 341 -9.44 -22.69 -16.67
N HIS A 342 -8.66 -22.45 -15.62
CA HIS A 342 -8.86 -21.30 -14.75
C HIS A 342 -8.00 -20.14 -15.22
N SER A 343 -8.32 -18.95 -14.70
CA SER A 343 -7.64 -17.72 -15.08
C SER A 343 -6.84 -17.17 -13.91
N SER A 344 -5.71 -16.56 -14.24
CA SER A 344 -4.83 -15.98 -13.23
C SER A 344 -5.25 -14.58 -12.81
N GLY A 345 -6.28 -14.02 -13.45
CA GLY A 345 -6.77 -12.72 -13.04
C GLY A 345 -7.50 -12.73 -11.71
N LEU A 346 -7.94 -13.89 -11.26
CA LEU A 346 -8.62 -14.03 -9.97
C LEU A 346 -7.72 -14.59 -8.89
N PHE A 347 -6.44 -14.83 -9.18
CA PHE A 347 -5.51 -15.29 -8.15
C PHE A 347 -5.29 -14.19 -7.12
N THR A 348 -5.27 -14.59 -5.85
CA THR A 348 -5.14 -13.63 -4.76
C THR A 348 -3.74 -13.03 -4.66
N LEU A 349 -2.76 -13.57 -5.40
CA LEU A 349 -1.41 -13.04 -5.43
C LEU A 349 -1.22 -12.30 -6.75
N ARG A 350 -0.74 -11.05 -6.66
CA ARG A 350 -0.54 -10.22 -7.85
C ARG A 350 0.94 -9.95 -8.11
N ASN A 351 1.67 -9.43 -7.13
CA ASN A 351 3.03 -8.96 -7.32
C ASN A 351 3.93 -9.51 -6.22
N GLY A 352 5.21 -9.64 -6.53
CA GLY A 352 6.17 -10.14 -5.56
C GLY A 352 7.47 -9.36 -5.59
N HIS A 353 8.11 -9.27 -4.43
CA HIS A 353 9.39 -8.59 -4.28
C HIS A 353 10.33 -9.42 -3.42
N LEU A 354 11.53 -9.70 -3.95
CA LEU A 354 12.54 -10.46 -3.24
C LEU A 354 13.67 -9.53 -2.86
N VAL A 355 13.93 -9.40 -1.55
CA VAL A 355 14.97 -8.53 -1.02
C VAL A 355 15.71 -9.24 0.10
N TRP A 356 16.64 -8.51 0.72
CA TRP A 356 17.34 -8.94 1.92
C TRP A 356 17.10 -7.93 3.04
N LEU A 357 17.05 -8.42 4.27
CA LEU A 357 16.77 -7.58 5.43
C LEU A 357 18.03 -7.06 6.10
N GLU A 358 19.22 -7.37 5.56
CA GLU A 358 20.50 -6.90 6.07
C GLU A 358 20.69 -7.31 7.54
N GLY A 359 20.77 -8.62 7.73
CA GLY A 359 21.01 -9.16 9.06
C GLY A 359 22.38 -8.76 9.58
N GLU A 360 22.40 -8.21 10.80
CA GLU A 360 23.65 -7.76 11.39
C GLU A 360 24.50 -8.95 11.82
N GLY A 361 25.81 -8.82 11.66
CA GLY A 361 26.74 -9.86 12.05
C GLY A 361 27.97 -9.81 11.17
N LYS A 362 28.70 -10.93 11.18
CA LYS A 362 29.90 -11.08 10.36
C LYS A 362 29.89 -12.43 9.67
N GLY A 363 30.35 -12.46 8.44
CA GLY A 363 30.40 -13.69 7.67
C GLY A 363 30.20 -13.40 6.19
N GLU A 364 29.95 -14.47 5.44
CA GLU A 364 29.69 -14.33 4.02
C GLU A 364 28.37 -13.60 3.79
N PRO A 365 28.31 -12.75 2.75
CA PRO A 365 27.08 -11.98 2.52
C PRO A 365 25.84 -12.82 2.29
N TRP A 366 25.99 -13.97 1.62
CA TRP A 366 24.84 -14.85 1.41
C TRP A 366 24.45 -15.59 2.67
N ASN A 367 25.39 -15.82 3.59
CA ASN A 367 25.10 -16.49 4.85
C ASN A 367 24.81 -15.52 5.99
N LEU A 368 24.80 -14.22 5.71
CA LEU A 368 24.57 -13.20 6.74
C LEU A 368 23.25 -12.48 6.59
N HIS A 369 22.85 -12.13 5.36
CA HIS A 369 21.63 -11.37 5.12
C HIS A 369 20.46 -12.32 4.93
N HIS A 370 19.38 -12.08 5.67
CA HIS A 370 18.19 -12.91 5.55
C HIS A 370 17.43 -12.56 4.27
N LEU A 371 17.09 -13.58 3.50
CA LEU A 371 16.36 -13.40 2.25
C LEU A 371 14.87 -13.42 2.53
N THR A 372 14.17 -12.35 2.14
CA THR A 372 12.76 -12.19 2.45
C THR A 372 11.97 -11.81 1.21
N LEU A 373 10.67 -12.10 1.28
CA LEU A 373 9.74 -11.93 0.17
C LEU A 373 8.53 -11.12 0.64
N TYR A 374 8.08 -10.21 -0.22
CA TYR A 374 6.85 -9.46 -0.05
C TYR A 374 5.88 -9.90 -1.13
N CYS A 375 4.70 -10.36 -0.74
CA CYS A 375 3.70 -10.84 -1.68
C CYS A 375 2.52 -9.88 -1.68
N CYS A 376 2.33 -9.17 -2.79
CA CYS A 376 1.19 -8.27 -2.92
C CYS A 376 -0.08 -9.10 -3.05
N VAL A 377 -1.07 -8.81 -2.20
CA VAL A 377 -2.30 -9.58 -2.12
C VAL A 377 -3.49 -8.64 -2.18
N ASP A 378 -4.45 -8.97 -3.03
CA ASP A 378 -5.71 -8.24 -3.12
C ASP A 378 -6.71 -8.85 -2.14
N ASN A 379 -7.14 -8.05 -1.16
CA ASN A 379 -8.03 -8.58 -0.13
C ASN A 379 -9.43 -8.83 -0.69
N ARG A 380 -9.83 -8.09 -1.71
CA ARG A 380 -11.17 -8.26 -2.28
C ARG A 380 -11.40 -9.65 -2.83
N LEU A 381 -10.33 -10.40 -3.09
CA LEU A 381 -10.41 -11.77 -3.56
C LEU A 381 -10.42 -12.80 -2.43
N TRP A 382 -10.45 -12.35 -1.16
CA TRP A 382 -10.37 -13.28 -0.04
C TRP A 382 -11.63 -14.13 0.07
N THR A 383 -12.81 -13.52 -0.09
CA THR A 383 -14.07 -14.21 0.06
C THR A 383 -14.67 -14.50 -1.31
N GLU A 384 -15.40 -15.62 -1.41
CA GLU A 384 -16.01 -15.99 -2.68
C GLU A 384 -17.02 -14.94 -3.13
N GLU A 385 -17.80 -14.40 -2.20
CA GLU A 385 -18.70 -13.30 -2.54
C GLU A 385 -17.92 -12.05 -2.97
N GLY A 386 -16.78 -11.78 -2.34
CA GLY A 386 -15.98 -10.64 -2.72
C GLY A 386 -15.27 -10.80 -4.04
N THR A 387 -15.01 -12.04 -4.46
CA THR A 387 -14.40 -12.28 -5.76
C THR A 387 -15.31 -11.86 -6.91
N GLU A 388 -16.62 -11.83 -6.69
CA GLU A 388 -17.55 -11.43 -7.75
C GLU A 388 -17.36 -9.97 -8.13
N ILE A 389 -17.08 -9.10 -7.16
CA ILE A 389 -16.86 -7.68 -7.46
C ILE A 389 -15.65 -7.51 -8.36
N VAL A 390 -14.55 -8.20 -8.03
CA VAL A 390 -13.34 -8.14 -8.83
C VAL A 390 -13.59 -8.73 -10.22
N ARG A 391 -14.32 -9.84 -10.30
CA ARG A 391 -14.63 -10.45 -11.58
C ARG A 391 -15.43 -9.50 -12.46
N GLN A 392 -16.45 -8.85 -11.89
CA GLN A 392 -17.27 -7.92 -12.65
C GLN A 392 -16.45 -6.72 -13.10
N GLU A 393 -15.61 -6.16 -12.22
CA GLU A 393 -14.80 -5.01 -12.59
C GLU A 393 -13.83 -5.37 -13.71
N LYS A 394 -13.15 -6.52 -13.59
CA LYS A 394 -12.22 -6.94 -14.63
C LYS A 394 -12.94 -7.21 -15.95
N ALA A 395 -14.11 -7.84 -15.89
CA ALA A 395 -14.86 -8.10 -17.11
C ALA A 395 -15.28 -6.81 -17.79
N ASP A 396 -15.77 -5.84 -17.01
CA ASP A 396 -16.15 -4.56 -17.59
C ASP A 396 -14.95 -3.84 -18.20
N GLU A 397 -13.82 -3.84 -17.50
CA GLU A 397 -12.63 -3.16 -18.00
C GLU A 397 -12.14 -3.80 -19.29
N ILE A 398 -12.08 -5.13 -19.35
CA ILE A 398 -11.58 -5.78 -20.56
C ILE A 398 -12.57 -5.66 -21.70
N THR A 399 -13.88 -5.69 -21.43
CA THR A 399 -14.84 -5.44 -22.51
C THR A 399 -14.72 -4.03 -23.07
N LYS A 400 -14.51 -3.04 -22.18
CA LYS A 400 -14.26 -1.68 -22.66
C LYS A 400 -12.98 -1.64 -23.50
N PHE A 401 -11.94 -2.33 -23.06
CA PHE A 401 -10.68 -2.35 -23.79
C PHE A 401 -10.86 -2.97 -25.18
N ILE A 402 -11.59 -4.09 -25.27
CA ILE A 402 -11.73 -4.76 -26.57
C ILE A 402 -12.66 -3.97 -27.48
N THR A 403 -13.68 -3.31 -26.94
CA THR A 403 -14.56 -2.52 -27.80
C THR A 403 -13.90 -1.22 -28.23
N ASN A 404 -12.92 -0.74 -27.47
CA ASN A 404 -12.15 0.43 -27.88
C ASN A 404 -11.04 0.05 -28.86
N MET A 405 -10.52 -1.17 -28.76
CA MET A 405 -9.43 -1.59 -29.65
C MET A 405 -9.89 -1.74 -31.08
N LYS A 406 -11.11 -2.24 -31.29
CA LYS A 406 -11.64 -2.44 -32.63
C LYS A 406 -12.20 -1.14 -33.20
N SER A 412 -1.10 -5.40 -37.48
CA SER A 412 -2.01 -5.60 -36.36
C SER A 412 -2.03 -7.07 -35.94
N ASP A 413 -0.98 -7.80 -36.30
CA ASP A 413 -0.88 -9.21 -35.93
C ASP A 413 -0.75 -9.36 -34.43
N THR A 414 0.15 -8.57 -33.81
CA THR A 414 0.28 -8.60 -32.35
C THR A 414 -0.98 -8.08 -31.68
N GLN A 415 -1.62 -7.06 -32.25
CA GLN A 415 -2.88 -6.57 -31.71
C GLN A 415 -3.96 -7.65 -31.79
N GLN A 416 -4.01 -8.39 -32.90
CA GLN A 416 -4.97 -9.48 -33.02
C GLN A 416 -4.69 -10.58 -32.01
N ALA A 417 -3.40 -10.91 -31.80
CA ALA A 417 -3.06 -11.92 -30.81
C ALA A 417 -3.48 -11.48 -29.40
N LEU A 418 -3.25 -10.21 -29.07
CA LEU A 418 -3.66 -9.69 -27.77
C LEU A 418 -5.17 -9.70 -27.62
N ILE A 419 -5.91 -9.35 -28.68
CA ILE A 419 -7.36 -9.33 -28.59
C ILE A 419 -7.91 -10.74 -28.44
N GLN A 420 -7.28 -11.73 -29.09
CA GLN A 420 -7.70 -13.11 -28.89
C GLN A 420 -7.37 -13.60 -27.49
N ARG A 421 -6.22 -13.19 -26.95
CA ARG A 421 -5.89 -13.53 -25.56
C ARG A 421 -6.92 -12.93 -24.60
N LYS A 422 -7.33 -11.69 -24.83
CA LYS A 422 -8.33 -11.06 -23.98
C LYS A 422 -9.68 -11.75 -24.11
N GLN A 423 -10.09 -12.09 -25.33
CA GLN A 423 -11.37 -12.76 -25.52
C GLN A 423 -11.37 -14.17 -24.94
N SER A 424 -10.19 -14.81 -24.86
CA SER A 424 -10.09 -16.06 -24.11
C SER A 424 -10.11 -15.81 -22.60
N THR A 425 -9.56 -14.67 -22.15
CA THR A 425 -9.59 -14.34 -20.73
C THR A 425 -11.02 -14.11 -20.24
N LEU A 426 -11.88 -13.52 -21.09
CA LEU A 426 -13.29 -13.40 -20.72
C LEU A 426 -13.91 -14.75 -20.43
N THR A 427 -13.67 -15.74 -21.30
CA THR A 427 -14.24 -17.06 -21.06
C THR A 427 -13.59 -17.75 -19.86
N ARG A 428 -12.29 -17.50 -19.63
CA ARG A 428 -11.58 -18.16 -18.55
C ARG A 428 -11.94 -17.60 -17.19
N ILE A 429 -12.32 -16.32 -17.12
CA ILE A 429 -12.56 -15.66 -15.83
C ILE A 429 -13.88 -16.07 -15.19
N ASN A 430 -14.77 -16.72 -15.94
CA ASN A 430 -16.07 -17.12 -15.41
C ASN A 430 -16.04 -18.43 -14.64
N ASN A 431 -14.89 -19.10 -14.59
CA ASN A 431 -14.79 -20.35 -13.86
C ASN A 431 -14.86 -20.10 -12.36
N SER A 432 -15.46 -21.06 -11.65
CA SER A 432 -15.69 -20.93 -10.22
C SER A 432 -14.46 -21.36 -9.43
N PHE A 433 -14.17 -20.62 -8.37
CA PHE A 433 -13.06 -20.92 -7.47
C PHE A 433 -13.61 -21.40 -6.13
N GLU A 434 -13.04 -22.49 -5.62
CA GLU A 434 -13.46 -23.05 -4.33
C GLU A 434 -12.89 -22.16 -3.22
N ARG A 435 -13.67 -21.12 -2.89
CA ARG A 435 -13.27 -20.14 -1.88
C ARG A 435 -14.35 -20.00 -0.81
N PRO A 436 -13.97 -19.65 0.41
CA PRO A 436 -14.98 -19.43 1.45
C PRO A 436 -15.89 -18.25 1.12
N SER A 437 -17.15 -18.37 1.53
CA SER A 437 -18.17 -17.38 1.25
C SER A 437 -18.50 -16.63 2.53
N GLN A 438 -18.49 -15.30 2.47
CA GLN A 438 -18.84 -14.46 3.60
C GLN A 438 -19.87 -13.41 3.17
N PRO A 439 -20.76 -13.00 4.06
CA PRO A 439 -21.75 -11.97 3.69
C PRO A 439 -21.08 -10.62 3.47
N LEU A 440 -21.42 -9.99 2.36
CA LEU A 440 -20.88 -8.67 2.04
C LEU A 440 -21.43 -7.62 3.00
N TYR A 441 -20.60 -6.65 3.34
CA TYR A 441 -20.99 -5.59 4.27
C TYR A 441 -22.01 -4.67 3.60
N GLN A 442 -23.28 -4.83 3.98
CA GLN A 442 -24.36 -4.01 3.43
C GLN A 442 -24.65 -2.88 4.42
N GLY A 443 -23.77 -1.88 4.41
CA GLY A 443 -23.96 -0.73 5.27
C GLY A 443 -25.04 0.20 4.75
N GLN A 444 -25.80 0.78 5.68
CA GLN A 444 -26.86 1.70 5.30
C GLN A 444 -26.28 2.99 4.73
N SER A 445 -26.82 3.45 3.61
CA SER A 445 -26.27 4.59 2.90
C SER A 445 -26.47 5.90 3.65
N HIS A 446 -27.42 5.96 4.58
CA HIS A 446 -27.72 7.20 5.29
C HIS A 446 -26.96 7.36 6.60
N ILE A 447 -26.54 6.26 7.23
CA ILE A 447 -25.82 6.35 8.50
C ILE A 447 -24.37 6.70 8.18
N LEU A 448 -24.04 7.98 8.32
CA LEU A 448 -22.67 8.44 8.13
C LEU A 448 -21.88 8.32 9.43
N VAL A 449 -20.58 8.08 9.29
CA VAL A 449 -19.65 8.16 10.42
C VAL A 449 -18.52 9.10 10.02
N GLY A 450 -18.26 10.09 10.86
CA GLY A 450 -17.31 11.14 10.56
C GLY A 450 -16.19 11.18 11.56
N VAL A 451 -14.99 11.52 11.09
CA VAL A 451 -13.80 11.62 11.93
C VAL A 451 -13.28 13.05 11.84
N SER A 452 -13.08 13.68 12.99
CA SER A 452 -12.55 15.04 13.08
C SER A 452 -11.17 14.99 13.73
N LEU A 453 -10.22 15.71 13.14
CA LEU A 453 -8.85 15.73 13.60
C LEU A 453 -8.50 17.13 14.13
N GLY A 454 -7.99 17.17 15.36
CA GLY A 454 -7.52 18.42 15.93
C GLY A 454 -6.12 18.28 16.48
N LEU A 455 -5.70 19.22 17.33
CA LEU A 455 -4.40 19.17 17.97
C LEU A 455 -4.47 18.82 19.44
N GLU A 456 -5.46 19.34 20.17
CA GLU A 456 -5.65 18.95 21.56
C GLU A 456 -6.00 17.46 21.66
N LYS A 457 -6.85 16.98 20.77
CA LYS A 457 -7.17 15.55 20.67
C LYS A 457 -6.96 15.14 19.22
N PRO A 458 -6.14 14.12 18.94
CA PRO A 458 -5.83 13.77 17.54
C PRO A 458 -7.05 13.38 16.71
N ALA A 459 -8.05 12.72 17.29
CA ALA A 459 -9.20 12.28 16.51
C ALA A 459 -10.40 12.07 17.41
N THR A 460 -11.57 12.48 16.93
CA THR A 460 -12.85 12.21 17.58
C THR A 460 -13.83 11.73 16.52
N VAL A 461 -14.72 10.83 16.91
CA VAL A 461 -15.61 10.15 15.97
C VAL A 461 -17.05 10.48 16.31
N ALA A 462 -17.86 10.70 15.27
CA ALA A 462 -19.30 10.90 15.43
C ALA A 462 -20.05 9.99 14.48
N VAL A 463 -21.22 9.53 14.91
CA VAL A 463 -22.10 8.72 14.08
C VAL A 463 -23.43 9.45 13.95
N VAL A 464 -23.84 9.75 12.71
CA VAL A 464 -25.07 10.48 12.45
C VAL A 464 -25.91 9.69 11.46
N ASP A 465 -27.21 10.00 11.46
CA ASP A 465 -28.17 9.35 10.57
C ASP A 465 -28.41 10.12 9.28
N ALA A 466 -28.07 11.41 9.25
CA ALA A 466 -28.15 12.26 8.06
C ALA A 466 -29.57 12.45 7.55
N ILE A 467 -30.55 11.86 8.24
CA ILE A 467 -31.97 12.06 7.93
C ILE A 467 -32.67 12.76 9.09
N ALA A 468 -32.60 12.18 10.28
CA ALA A 468 -32.99 12.85 11.52
C ALA A 468 -31.71 13.28 12.23
N ASN A 469 -31.59 14.57 12.52
CA ASN A 469 -30.35 15.13 13.08
C ASN A 469 -30.20 14.76 14.56
N LYS A 470 -30.02 13.46 14.78
CA LYS A 470 -29.74 12.92 16.11
C LYS A 470 -28.48 12.07 16.03
N VAL A 471 -27.50 12.39 16.86
CA VAL A 471 -26.22 11.69 16.82
C VAL A 471 -26.38 10.34 17.52
N LEU A 472 -26.05 9.26 16.80
CA LEU A 472 -26.12 7.93 17.39
C LEU A 472 -25.10 7.77 18.51
N ALA A 473 -23.86 8.18 18.26
CA ALA A 473 -22.80 8.00 19.25
C ALA A 473 -21.64 8.93 18.95
N TYR A 474 -21.16 9.61 20.00
CA TYR A 474 -19.87 10.27 19.96
C TYR A 474 -18.82 9.37 20.59
N ARG A 475 -17.57 9.52 20.15
CA ARG A 475 -16.47 8.70 20.65
C ARG A 475 -15.22 9.57 20.75
N SER A 476 -14.69 9.69 21.96
CA SER A 476 -13.43 10.37 22.19
C SER A 476 -12.27 9.40 21.95
N ILE A 477 -11.07 9.96 21.84
CA ILE A 477 -9.90 9.14 21.58
C ILE A 477 -9.52 8.29 22.79
N LYS A 478 -10.01 8.63 23.98
CA LYS A 478 -9.75 7.81 25.16
C LYS A 478 -10.57 6.53 25.17
N GLN A 479 -11.65 6.45 24.40
CA GLN A 479 -12.45 5.25 24.27
C GLN A 479 -11.99 4.37 23.11
N LEU A 480 -11.56 4.98 22.00
CA LEU A 480 -11.02 4.19 20.89
C LEU A 480 -9.73 3.49 21.29
N LEU A 481 -8.93 4.13 22.14
CA LEU A 481 -7.68 3.55 22.64
C LEU A 481 -7.82 2.94 24.02
N GLY A 482 -8.97 2.32 24.30
CA GLY A 482 -9.19 1.66 25.58
C GLY A 482 -8.15 0.60 25.89
N ASP A 483 -7.63 0.63 27.11
CA ASP A 483 -6.52 -0.21 27.56
C ASP A 483 -5.23 0.07 26.78
N ASN A 484 -5.19 1.15 26.00
CA ASN A 484 -4.01 1.51 25.24
C ASN A 484 -3.76 3.02 25.22
N TYR A 485 -4.46 3.79 26.05
CA TYR A 485 -4.32 5.25 26.05
C TYR A 485 -2.95 5.69 26.54
N GLU A 486 -2.24 4.83 27.27
CA GLU A 486 -0.88 5.13 27.68
C GLU A 486 0.03 5.35 26.48
N LEU A 487 -0.26 4.65 25.38
CA LEU A 487 0.60 4.72 24.21
C LEU A 487 0.55 6.09 23.54
N LEU A 488 -0.59 6.79 23.65
CA LEU A 488 -0.67 8.14 23.09
C LEU A 488 0.24 9.10 23.85
N ASN A 489 0.24 9.01 25.19
CA ASN A 489 1.14 9.83 25.98
C ASN A 489 2.59 9.47 25.70
N ARG A 490 2.87 8.17 25.52
CA ARG A 490 4.22 7.75 25.16
C ARG A 490 4.64 8.32 23.82
N GLN A 491 3.72 8.33 22.84
CA GLN A 491 4.02 8.90 21.53
C GLN A 491 4.29 10.39 21.62
N ARG A 492 3.48 11.11 22.41
CA ARG A 492 3.70 12.55 22.55
C ARG A 492 5.03 12.84 23.23
N ARG A 493 5.37 12.09 24.27
CA ARG A 493 6.66 12.27 24.95
C ARG A 493 7.82 11.95 24.00
N GLN A 494 7.69 10.87 23.22
CA GLN A 494 8.75 10.52 22.27
C GLN A 494 8.90 11.58 21.19
N GLN A 495 7.79 12.12 20.69
CA GLN A 495 7.85 13.18 19.69
C GLN A 495 8.53 14.43 20.26
N GLN A 496 8.20 14.79 21.49
CA GLN A 496 8.86 15.93 22.14
C GLN A 496 10.35 15.67 22.29
N TYR A 497 10.73 14.44 22.68
CA TYR A 497 12.13 14.11 22.85
C TYR A 497 12.90 14.18 21.54
N LEU A 498 12.31 13.64 20.45
CA LEU A 498 12.98 13.71 19.16
C LEU A 498 13.07 15.14 18.65
N SER A 499 12.04 15.95 18.88
CA SER A 499 12.10 17.35 18.48
C SER A 499 13.21 18.09 19.23
N HIS A 500 13.32 17.83 20.54
CA HIS A 500 14.38 18.46 21.32
C HIS A 500 15.76 18.00 20.86
N GLU A 501 15.91 16.70 20.56
CA GLU A 501 17.19 16.20 20.08
C GLU A 501 17.55 16.80 18.73
N ARG A 502 16.57 16.93 17.82
CA ARG A 502 16.83 17.54 16.52
C ARG A 502 17.21 19.01 16.68
N HIS A 503 16.54 19.73 17.58
CA HIS A 503 16.90 21.11 17.86
C HIS A 503 18.29 21.22 18.47
N LYS A 504 18.71 20.23 19.25
CA LYS A 504 20.06 20.24 19.83
C LYS A 504 21.14 19.94 18.81
N ALA A 505 20.80 19.33 17.68
CA ALA A 505 21.80 19.01 16.66
C ALA A 505 21.22 19.20 15.26
N ALA A 516 13.21 7.45 14.20
CA ALA A 516 11.79 7.21 14.40
C ALA A 516 11.54 5.86 15.06
N SER A 517 10.70 5.85 16.09
CA SER A 517 10.36 4.64 16.82
C SER A 517 9.26 3.82 16.15
N GLU A 518 8.63 4.37 15.11
CA GLU A 518 7.57 3.68 14.36
C GLU A 518 6.42 3.31 15.31
N LEU A 519 6.13 4.21 16.23
CA LEU A 519 5.02 4.02 17.16
C LEU A 519 3.79 4.82 16.78
N GLY A 520 3.97 5.99 16.18
CA GLY A 520 2.84 6.76 15.70
C GLY A 520 2.07 6.03 14.60
N GLN A 521 2.80 5.28 13.77
CA GLN A 521 2.12 4.44 12.76
C GLN A 521 1.26 3.39 13.44
N HIS A 522 1.77 2.77 14.51
CA HIS A 522 0.97 1.79 15.25
C HIS A 522 -0.26 2.43 15.87
N ILE A 523 -0.12 3.64 16.41
CA ILE A 523 -1.26 4.35 16.97
C ILE A 523 -2.29 4.67 15.90
N ASP A 524 -1.83 5.11 14.72
CA ASP A 524 -2.75 5.40 13.63
C ASP A 524 -3.48 4.15 13.18
N ARG A 525 -2.79 3.02 13.09
CA ARG A 525 -3.44 1.77 12.72
C ARG A 525 -4.46 1.34 13.77
N LEU A 526 -4.12 1.49 15.05
CA LEU A 526 -5.06 1.19 16.12
C LEU A 526 -6.32 2.06 16.01
N LEU A 527 -6.12 3.36 15.78
CA LEU A 527 -7.26 4.27 15.65
C LEU A 527 -8.11 3.90 14.44
N ALA A 528 -7.48 3.58 13.31
CA ALA A 528 -8.22 3.21 12.12
C ALA A 528 -9.04 1.94 12.34
N LYS A 529 -8.43 0.93 12.97
CA LYS A 529 -9.17 -0.31 13.24
C LYS A 529 -10.31 -0.07 14.22
N ALA A 530 -10.10 0.75 15.24
CA ALA A 530 -11.16 1.06 16.18
C ALA A 530 -12.32 1.78 15.50
N ILE A 531 -12.01 2.74 14.63
CA ILE A 531 -13.06 3.48 13.94
C ILE A 531 -13.82 2.56 12.99
N VAL A 532 -13.11 1.68 12.28
CA VAL A 532 -13.78 0.76 11.36
C VAL A 532 -14.66 -0.21 12.13
N ALA A 533 -14.19 -0.72 13.27
CA ALA A 533 -15.02 -1.59 14.10
C ALA A 533 -16.25 -0.86 14.63
N LEU A 534 -16.09 0.41 15.02
CA LEU A 534 -17.23 1.21 15.44
C LEU A 534 -18.25 1.36 14.32
N ALA A 535 -17.78 1.65 13.10
CA ALA A 535 -18.69 1.82 11.98
C ALA A 535 -19.41 0.53 11.65
N ARG A 536 -18.69 -0.60 11.73
CA ARG A 536 -19.32 -1.89 11.47
C ARG A 536 -20.34 -2.24 12.55
N THR A 537 -20.04 -1.92 13.81
CA THR A 537 -20.97 -2.21 14.90
C THR A 537 -22.24 -1.39 14.80
N TYR A 538 -22.13 -0.12 14.43
CA TYR A 538 -23.28 0.77 14.31
C TYR A 538 -23.90 0.76 12.92
N LYS A 539 -23.41 -0.10 12.03
CA LYS A 539 -23.93 -0.25 10.66
C LYS A 539 -23.87 1.08 9.91
N ALA A 540 -22.64 1.58 9.74
CA ALA A 540 -22.39 2.81 9.00
C ALA A 540 -21.88 2.47 7.62
N GLY A 541 -22.55 2.97 6.59
CA GLY A 541 -22.19 2.67 5.23
C GLY A 541 -21.19 3.58 4.59
N SER A 542 -20.84 4.69 5.23
CA SER A 542 -19.88 5.64 4.66
C SER A 542 -19.14 6.35 5.78
N ILE A 543 -17.82 6.40 5.65
CA ILE A 543 -16.94 7.10 6.60
C ILE A 543 -16.34 8.30 5.89
N VAL A 544 -16.41 9.45 6.56
CA VAL A 544 -15.90 10.70 6.01
C VAL A 544 -14.85 11.27 6.95
N LEU A 545 -13.79 11.83 6.36
CA LEU A 545 -12.62 12.31 7.07
C LEU A 545 -12.01 13.45 6.28
N PRO A 546 -11.48 14.49 6.94
CA PRO A 546 -11.15 15.72 6.23
C PRO A 546 -9.94 15.57 5.32
N LYS A 547 -9.86 16.48 4.35
CA LYS A 547 -8.75 16.51 3.41
C LYS A 547 -7.49 17.06 4.07
N LEU A 548 -6.34 16.75 3.46
CA LEU A 548 -5.07 17.19 4.01
C LEU A 548 -4.82 18.67 3.74
N GLY A 549 -5.49 19.24 2.74
CA GLY A 549 -5.22 20.63 2.38
C GLY A 549 -5.61 21.63 3.45
N ASP A 550 -6.72 21.38 4.14
CA ASP A 550 -7.20 22.30 5.17
C ASP A 550 -6.56 22.04 6.53
N MET A 551 -5.70 21.02 6.65
CA MET A 551 -5.18 20.61 7.95
C MET A 551 -4.32 21.69 8.60
N ARG A 552 -3.50 22.39 7.81
CA ARG A 552 -2.68 23.45 8.38
C ARG A 552 -3.54 24.57 8.95
N GLU A 553 -4.59 24.96 8.22
CA GLU A 553 -5.51 25.98 8.72
C GLU A 553 -6.23 25.49 9.97
N VAL A 554 -6.60 24.21 10.01
CA VAL A 554 -7.26 23.66 11.20
C VAL A 554 -6.34 23.72 12.40
N VAL A 555 -5.07 23.35 12.22
CA VAL A 555 -4.11 23.38 13.33
C VAL A 555 -3.91 24.81 13.82
N GLN A 556 -3.75 25.75 12.89
CA GLN A 556 -3.57 27.15 13.28
C GLN A 556 -4.80 27.68 14.01
N SER A 557 -5.99 27.35 13.52
CA SER A 557 -7.22 27.79 14.17
C SER A 557 -7.36 27.18 15.56
N GLU A 558 -7.00 25.90 15.71
CA GLU A 558 -7.07 25.27 17.03
C GLU A 558 -6.09 25.92 18.00
N ILE A 559 -4.88 26.24 17.53
CA ILE A 559 -3.91 26.92 18.39
C ILE A 559 -4.45 28.28 18.82
N GLN A 560 -5.00 29.05 17.87
CA GLN A 560 -5.52 30.37 18.19
C GLN A 560 -6.71 30.27 19.15
N ALA A 561 -7.59 29.29 18.93
CA ALA A 561 -8.76 29.13 19.80
C ALA A 561 -8.36 28.74 21.22
N ILE A 562 -7.42 27.81 21.36
CA ILE A 562 -6.99 27.41 22.70
C ILE A 562 -6.24 28.55 23.40
N ALA A 563 -5.48 29.34 22.64
CA ALA A 563 -4.82 30.50 23.23
C ALA A 563 -5.83 31.54 23.70
N GLU A 564 -6.88 31.78 22.91
CA GLU A 564 -7.92 32.71 23.32
C GLU A 564 -8.69 32.18 24.54
N GLN A 565 -8.94 30.87 24.57
CA GLN A 565 -9.64 30.28 25.71
C GLN A 565 -8.81 30.40 26.98
N LYS A 566 -7.49 30.20 26.89
CA LYS A 566 -6.64 30.32 28.07
C LYS A 566 -6.49 31.77 28.49
N PHE A 567 -5.98 32.61 27.58
CA PHE A 567 -5.81 34.03 27.87
C PHE A 567 -6.82 34.84 27.08
N PRO A 568 -7.72 35.56 27.74
CA PRO A 568 -8.85 36.17 27.01
C PRO A 568 -8.46 37.25 26.01
N GLY A 569 -7.79 38.31 26.45
CA GLY A 569 -7.73 39.50 25.62
C GLY A 569 -6.39 40.05 25.17
N TYR A 570 -5.32 39.85 25.95
CA TYR A 570 -4.05 40.52 25.68
C TYR A 570 -3.14 39.61 24.86
N ILE A 571 -2.57 40.17 23.79
CA ILE A 571 -1.95 39.37 22.73
C ILE A 571 -0.71 38.65 23.25
N GLU A 572 0.04 39.28 24.16
CA GLU A 572 1.27 38.67 24.64
C GLU A 572 1.00 37.34 25.35
N GLY A 573 -0.06 37.28 26.14
CA GLY A 573 -0.40 36.04 26.82
C GLY A 573 -0.75 34.92 25.87
N GLN A 574 -1.59 35.21 24.87
CA GLN A 574 -1.95 34.19 23.90
C GLN A 574 -0.74 33.74 23.08
N GLN A 575 0.13 34.68 22.71
CA GLN A 575 1.32 34.31 21.95
C GLN A 575 2.25 33.41 22.78
N LYS A 576 2.48 33.77 24.04
CA LYS A 576 3.34 32.95 24.89
C LYS A 576 2.74 31.57 25.12
N TYR A 577 1.42 31.51 25.38
CA TYR A 577 0.78 30.22 25.59
C TYR A 577 0.81 29.36 24.33
N ALA A 578 0.62 29.97 23.15
CA ALA A 578 0.68 29.24 21.90
C ALA A 578 2.09 28.69 21.67
N LYS A 579 3.11 29.50 21.94
CA LYS A 579 4.49 29.04 21.79
C LYS A 579 4.77 27.87 22.72
N GLN A 580 4.38 27.99 23.99
CA GLN A 580 4.62 26.92 24.95
C GLN A 580 3.85 25.65 24.58
N TYR A 581 2.61 25.80 24.13
CA TYR A 581 1.80 24.64 23.76
C TYR A 581 2.37 23.94 22.53
N ARG A 582 2.83 24.72 21.55
CA ARG A 582 3.43 24.11 20.36
C ARG A 582 4.75 23.45 20.67
N VAL A 583 5.53 24.01 21.60
CA VAL A 583 6.77 23.38 22.02
C VAL A 583 6.49 22.08 22.76
N ASN A 584 5.51 22.09 23.67
CA ASN A 584 5.23 20.90 24.47
C ASN A 584 4.66 19.77 23.63
N VAL A 585 3.65 20.06 22.80
CA VAL A 585 3.01 19.05 21.96
C VAL A 585 3.03 19.54 20.51
N HIS A 586 3.39 18.64 19.61
CA HIS A 586 3.46 18.93 18.19
C HIS A 586 2.24 18.36 17.47
N ARG A 587 2.25 18.42 16.15
CA ARG A 587 1.13 17.92 15.36
C ARG A 587 1.12 16.40 15.39
N TRP A 588 0.16 15.80 14.69
CA TRP A 588 -0.07 14.37 14.74
C TRP A 588 0.36 13.62 13.49
N SER A 589 0.86 14.32 12.47
CA SER A 589 1.17 13.73 11.16
C SER A 589 -0.07 13.02 10.60
N TYR A 590 -1.10 13.83 10.35
CA TYR A 590 -2.43 13.31 10.11
C TYR A 590 -2.52 12.46 8.86
N GLY A 591 -1.66 12.70 7.86
CA GLY A 591 -1.78 12.00 6.60
C GLY A 591 -1.60 10.49 6.72
N ARG A 592 -0.70 10.07 7.62
CA ARG A 592 -0.55 8.63 7.87
C ARG A 592 -1.83 8.06 8.47
N LEU A 593 -2.49 8.81 9.35
CA LEU A 593 -3.77 8.38 9.89
C LEU A 593 -4.84 8.31 8.80
N ILE A 594 -4.83 9.25 7.86
CA ILE A 594 -5.76 9.22 6.74
C ILE A 594 -5.54 7.96 5.91
N GLN A 595 -4.28 7.65 5.62
CA GLN A 595 -3.96 6.46 4.84
C GLN A 595 -4.37 5.19 5.57
N SER A 596 -4.13 5.14 6.88
CA SER A 596 -4.51 3.97 7.66
C SER A 596 -6.02 3.79 7.68
N ILE A 597 -6.77 4.88 7.86
CA ILE A 597 -8.23 4.79 7.85
C ILE A 597 -8.74 4.33 6.50
N GLN A 598 -8.17 4.87 5.41
CA GLN A 598 -8.59 4.44 4.08
C GLN A 598 -8.29 2.96 3.84
N SER A 599 -7.10 2.52 4.25
CA SER A 599 -6.73 1.12 4.06
C SER A 599 -7.62 0.18 4.87
N LYS A 600 -7.94 0.55 6.11
CA LYS A 600 -8.78 -0.30 6.94
C LYS A 600 -10.24 -0.27 6.49
N ALA A 601 -10.71 0.85 5.94
CA ALA A 601 -12.07 0.93 5.46
C ALA A 601 -12.24 0.18 4.14
N ALA A 602 -11.19 0.14 3.32
CA ALA A 602 -11.24 -0.64 2.09
C ALA A 602 -11.32 -2.14 2.35
N GLN A 603 -11.00 -2.58 3.57
CA GLN A 603 -11.06 -4.02 3.87
C GLN A 603 -12.51 -4.50 3.87
N THR A 604 -13.40 -3.78 4.56
CA THR A 604 -14.79 -4.17 4.67
C THR A 604 -15.64 -3.65 3.52
N GLY A 605 -15.36 -2.44 3.02
CA GLY A 605 -16.12 -1.89 1.93
C GLY A 605 -16.90 -0.64 2.27
N ILE A 606 -16.38 0.15 3.22
CA ILE A 606 -17.01 1.40 3.64
C ILE A 606 -16.45 2.53 2.78
N VAL A 607 -17.35 3.35 2.23
CA VAL A 607 -16.96 4.38 1.27
C VAL A 607 -16.22 5.51 1.99
N ILE A 608 -15.04 5.84 1.49
CA ILE A 608 -14.24 6.95 2.02
C ILE A 608 -14.70 8.25 1.38
N GLU A 609 -15.00 9.25 2.20
CA GLU A 609 -15.48 10.53 1.72
C GLU A 609 -14.74 11.67 2.41
N GLU A 610 -14.77 12.83 1.78
CA GLU A 610 -14.16 14.04 2.31
C GLU A 610 -15.24 15.07 2.64
N GLY A 611 -14.87 16.01 3.51
CA GLY A 611 -15.79 17.05 3.93
C GLY A 611 -15.04 18.25 4.45
N LYS A 612 -15.76 19.37 4.55
CA LYS A 612 -15.16 20.62 5.02
C LYS A 612 -15.09 20.60 6.54
N GLN A 613 -13.89 20.73 7.07
CA GLN A 613 -13.71 20.79 8.52
C GLN A 613 -14.23 22.12 9.05
N PRO A 614 -15.18 22.13 9.99
CA PRO A 614 -15.61 23.39 10.58
C PRO A 614 -14.56 23.96 11.52
N ILE A 615 -14.70 25.26 11.79
CA ILE A 615 -13.73 26.01 12.58
C ILE A 615 -14.42 26.51 13.85
N ARG A 616 -13.66 26.53 14.94
CA ARG A 616 -14.10 27.05 16.24
C ARG A 616 -15.32 26.29 16.75
N GLY A 617 -15.10 25.00 17.01
CA GLY A 617 -16.15 24.17 17.56
C GLY A 617 -15.56 23.04 18.38
N SER A 618 -16.42 22.41 19.17
CA SER A 618 -16.02 21.26 19.96
C SER A 618 -15.66 20.09 19.04
N PRO A 619 -14.74 19.22 19.45
CA PRO A 619 -14.34 18.09 18.59
C PRO A 619 -15.50 17.20 18.18
N HIS A 620 -16.41 16.89 19.12
CA HIS A 620 -17.62 16.16 18.75
C HIS A 620 -18.51 17.02 17.84
N ASP A 621 -18.64 18.31 18.18
CA ASP A 621 -19.39 19.23 17.33
C ASP A 621 -18.73 19.34 15.96
N LYS A 622 -17.39 19.40 15.94
CA LYS A 622 -16.67 19.46 14.67
C LYS A 622 -16.94 18.21 13.83
N ALA A 623 -16.89 17.03 14.44
CA ALA A 623 -17.15 15.79 13.71
C ALA A 623 -18.58 15.73 13.19
N LYS A 624 -19.55 16.15 14.01
CA LYS A 624 -20.94 16.15 13.56
C LYS A 624 -21.15 17.12 12.40
N GLU A 625 -20.58 18.32 12.50
CA GLU A 625 -20.72 19.29 11.41
C GLU A 625 -20.03 18.79 10.14
N LEU A 626 -18.89 18.11 10.28
CA LEU A 626 -18.23 17.52 9.11
C LEU A 626 -19.10 16.45 8.48
N ALA A 627 -19.75 15.61 9.29
CA ALA A 627 -20.62 14.57 8.74
C ALA A 627 -21.81 15.18 8.01
N LEU A 628 -22.44 16.20 8.60
CA LEU A 628 -23.56 16.84 7.92
C LEU A 628 -23.14 17.56 6.65
N SER A 629 -21.96 18.19 6.66
CA SER A 629 -21.44 18.83 5.45
C SER A 629 -21.16 17.79 4.37
N ALA A 630 -20.62 16.64 4.75
CA ALA A 630 -20.38 15.57 3.79
C ALA A 630 -21.68 15.06 3.19
N TYR A 631 -22.71 14.89 4.03
CA TYR A 631 -24.00 14.45 3.50
C TYR A 631 -24.59 15.50 2.57
N ASN A 632 -24.45 16.78 2.90
CA ASN A 632 -24.93 17.83 2.01
C ASN A 632 -24.19 17.82 0.68
N LEU A 633 -22.86 17.61 0.72
CA LEU A 633 -22.07 17.54 -0.50
C LEU A 633 -22.49 16.35 -1.36
N ARG A 634 -22.74 15.21 -0.72
CA ARG A 634 -23.24 14.04 -1.45
C ARG A 634 -24.61 14.29 -2.05
N LEU A 635 -25.48 15.00 -1.32
CA LEU A 635 -26.79 15.35 -1.85
C LEU A 635 -26.67 16.25 -3.07
N THR A 636 -25.74 17.22 -3.02
CA THR A 636 -25.52 18.07 -4.18
C THR A 636 -24.96 17.29 -5.37
N ARG A 637 -24.18 16.25 -5.10
CA ARG A 637 -23.62 15.42 -6.16
C ARG A 637 -24.63 14.40 -6.64
#